data_9CBT
#
_entry.id   9CBT
#
_cell.length_a   39.433
_cell.length_b   63.193
_cell.length_c   114.608
_cell.angle_alpha   90.000
_cell.angle_beta   90.790
_cell.angle_gamma   90.000
#
_symmetry.space_group_name_H-M   'P 1 21 1'
#
loop_
_entity.id
_entity.type
_entity.pdbx_description
1 polymer 'NAD-dependent protein deacetylase sirtuin-3, mitochondrial'
2 non-polymer 'ZINC ION'
3 non-polymer '2-{[(2S)-6-[(Z)-(1-{[(2R,3R,4R,5R)-5-({[(R)-{[(R)-{[(2R,3S,4R,5R)-5-(6-amino-9H-purin-9-yl)-3,4-dihydroxyoxolan-2-yl]methoxy}(hydroxy)phosphoryl]oxy}(hydroxy)phosphoryl]oxy}methyl)-4-hydroxy-2-sulfanyloxolan-3-yl]oxy}tetradecylidene)amino]-2-{[(benzyloxy)carbonyl]amino}hexanoyl]amino}-N,N,N-triethylethan-1-aminium (non-preferred name)'
4 non-polymer 'TETRAETHYLENE GLYCOL'
5 non-polymer '(phenylmethyl) ~{N}-[(2~{S})-6-[[(2~{R},3~{a}~{R},5~{R},6~{R},6~{a}~{R})-5-[[[[(2~{R},3~{S},4~{R},5~{R})-5-(6-aminopurin-9-yl)-3,4-bis(oxidanyl)oxolan-2-yl]methoxy-oxidanyl-phosphoryl]oxy-oxidanyl-phosphoryl]oxymethyl]-6-oxidanyl-2-tridecyl-3~{a},5,6,6~{a}-tetrahydrofuro[2,3-d][1,3]oxathiol-2-yl]amino]-1-oxidanylidene-1-[2-(triethyl-$l^{4}-azanyl)ethylamino]hexan-2-yl]carbamate'
6 water water
#
_entity_poly.entity_id   1
_entity_poly.type   'polypeptide(L)'
_entity_poly.pdbx_seq_one_letter_code
;SDKGKLSLQDVAELIRARACQRVVVMVGAGISTPSGIPDFRSPGSGLYSNLQQYDLPYPEAIFELPFFFHNPKPFFTLAK
ELYPGNYKPNVTHYFLRLLHDKGLLLRLYTQNIDGLERVSGIPASKLVEAHGTFASATCTVCQRPFPGEDIRADVMADRV
PRCPVCTGVVKPDIVFFGEPLPQRFLLHVVDFPMADLLLILGTSLEVEPFASLTEAVRSSVPRLLINRDLVGPLAWHPRS
RDVAQLGDVVHGVESLVELLGWTEEMRDLVQRETGKLDGPDK
;
_entity_poly.pdbx_strand_id   A,B
#
loop_
_chem_comp.id
_chem_comp.type
_chem_comp.name
_chem_comp.formula
5I7 non-polymer '(phenylmethyl) ~{N}-[(2~{S})-6-[[(2~{R},3~{a}~{R},5~{R},6~{R},6~{a}~{R})-5-[[[[(2~{R},3~{S},4~{R},5~{R})-5-(6-aminopurin-9-yl)-3,4-bis(oxidanyl)oxolan-2-yl]methoxy-oxidanyl-phosphoryl]oxy-oxidanyl-phosphoryl]oxymethyl]-6-oxidanyl-2-tridecyl-3~{a},5,6,6~{a}-tetrahydrofuro[2,3-d][1,3]oxathiol-2-yl]amino]-1-oxidanylidene-1-[2-(triethyl-$l^{4}-azanyl)ethylamino]hexan-2-yl]carbamate' 'C51 H86 N9 O16 P2 S 1'
5IA non-polymer '2-{[(2S)-6-[(Z)-(1-{[(2R,3R,4R,5R)-5-({[(R)-{[(R)-{[(2R,3S,4R,5R)-5-(6-amino-9H-purin-9-yl)-3,4-dihydroxyoxolan-2-yl]methoxy}(hydroxy)phosphoryl]oxy}(hydroxy)phosphoryl]oxy}methyl)-4-hydroxy-2-sulfanyloxolan-3-yl]oxy}tetradecylidene)amino]-2-{[(benzyloxy)carbonyl]amino}hexanoyl]amino}-N,N,N-triethylethan-1-aminium (non-preferred name)' 'C51 H86 N9 O16 P2 S 1'
PG4 non-polymer 'TETRAETHYLENE GLYCOL' 'C8 H18 O5'
ZN non-polymer 'ZINC ION' 'Zn 2'
#
# COMPACT_ATOMS: atom_id res chain seq x y z
N LYS A 5 -28.40 -26.62 -16.21
CA LYS A 5 -29.58 -25.79 -16.42
C LYS A 5 -29.38 -24.88 -17.63
N LEU A 6 -28.85 -23.68 -17.38
CA LEU A 6 -28.62 -22.73 -18.46
C LEU A 6 -27.47 -23.18 -19.35
N SER A 7 -27.44 -22.65 -20.57
CA SER A 7 -26.44 -23.01 -21.56
C SER A 7 -25.85 -21.76 -22.17
N LEU A 8 -24.89 -21.94 -23.09
CA LEU A 8 -24.24 -20.82 -23.74
C LEU A 8 -25.23 -20.03 -24.60
N GLN A 9 -26.21 -20.72 -25.21
CA GLN A 9 -27.24 -20.01 -25.96
C GLN A 9 -28.16 -19.22 -25.04
N ASP A 10 -28.46 -19.75 -23.86
CA ASP A 10 -29.29 -19.03 -22.92
C ASP A 10 -28.65 -17.71 -22.52
N VAL A 11 -27.34 -17.72 -22.27
CA VAL A 11 -26.65 -16.49 -21.88
C VAL A 11 -26.64 -15.51 -23.04
N ALA A 12 -26.43 -16.00 -24.26
CA ALA A 12 -26.43 -15.11 -25.43
C ALA A 12 -27.77 -14.41 -25.59
N GLU A 13 -28.87 -15.15 -25.43
CA GLU A 13 -30.20 -14.55 -25.59
C GLU A 13 -30.52 -13.57 -24.47
N LEU A 14 -29.97 -13.79 -23.27
CA LEU A 14 -30.14 -12.79 -22.21
C LEU A 14 -29.47 -11.48 -22.57
N ILE A 15 -28.33 -11.55 -23.25
CA ILE A 15 -27.65 -10.34 -23.71
C ILE A 15 -28.40 -9.73 -24.89
N ARG A 16 -28.92 -10.57 -25.78
CA ARG A 16 -29.65 -10.06 -26.95
C ARG A 16 -30.94 -9.38 -26.54
N ALA A 17 -31.69 -9.97 -25.61
CA ALA A 17 -32.93 -9.40 -25.10
C ALA A 17 -32.69 -8.32 -24.04
N ARG A 18 -31.43 -7.96 -23.79
CA ARG A 18 -31.06 -6.94 -22.81
C ARG A 18 -31.55 -7.29 -21.40
N ALA A 19 -31.74 -8.59 -21.12
CA ALA A 19 -32.00 -9.02 -19.76
C ALA A 19 -30.77 -8.88 -18.88
N CYS A 20 -29.59 -8.90 -19.48
CA CYS A 20 -28.32 -8.65 -18.78
C CYS A 20 -27.71 -7.39 -19.39
N GLN A 21 -27.82 -6.26 -18.68
CA GLN A 21 -27.29 -5.00 -19.16
C GLN A 21 -26.03 -4.56 -18.44
N ARG A 22 -25.74 -5.11 -17.27
CA ARG A 22 -24.59 -4.70 -16.46
C ARG A 22 -23.70 -5.92 -16.26
N VAL A 23 -22.88 -6.21 -17.27
CA VAL A 23 -22.01 -7.38 -17.23
C VAL A 23 -20.71 -7.00 -16.55
N VAL A 24 -20.27 -7.83 -15.61
CA VAL A 24 -18.95 -7.72 -14.99
C VAL A 24 -18.11 -8.89 -15.47
N VAL A 25 -16.86 -8.63 -15.82
CA VAL A 25 -15.97 -9.62 -16.39
C VAL A 25 -14.72 -9.71 -15.54
N MET A 26 -14.32 -10.92 -15.20
CA MET A 26 -13.07 -11.22 -14.52
C MET A 26 -12.21 -12.03 -15.47
N VAL A 27 -10.97 -11.61 -15.67
CA VAL A 27 -10.09 -12.32 -16.60
C VAL A 27 -8.73 -12.56 -15.94
N GLY A 28 -8.04 -13.59 -16.42
CA GLY A 28 -6.70 -13.90 -15.98
C GLY A 28 -5.80 -14.18 -17.16
N ALA A 29 -4.66 -14.84 -16.92
CA ALA A 29 -3.65 -14.95 -17.96
C ALA A 29 -4.10 -15.82 -19.12
N GLY A 30 -5.09 -16.69 -18.91
CA GLY A 30 -5.58 -17.54 -19.98
C GLY A 30 -6.04 -16.77 -21.20
N ILE A 31 -6.52 -15.54 -21.02
CA ILE A 31 -6.99 -14.79 -22.19
C ILE A 31 -5.86 -14.21 -23.01
N SER A 32 -4.62 -14.27 -22.52
CA SER A 32 -3.48 -13.73 -23.24
C SER A 32 -2.55 -14.81 -23.78
N THR A 33 -2.73 -16.07 -23.42
CA THR A 33 -2.00 -17.13 -24.11
C THR A 33 -2.26 -17.17 -25.62
N PRO A 34 -3.46 -16.86 -26.13
CA PRO A 34 -3.59 -16.77 -27.60
C PRO A 34 -2.83 -15.61 -28.20
N SER A 35 -2.35 -14.66 -27.41
CA SER A 35 -1.50 -13.57 -27.89
C SER A 35 -0.02 -13.88 -27.74
N GLY A 36 0.35 -15.11 -27.41
CA GLY A 36 1.74 -15.48 -27.27
C GLY A 36 2.32 -15.32 -25.88
N ILE A 37 1.53 -14.83 -24.92
CA ILE A 37 2.02 -14.61 -23.56
C ILE A 37 1.76 -15.86 -22.74
N PRO A 38 2.76 -16.43 -22.09
CA PRO A 38 2.52 -17.62 -21.27
C PRO A 38 1.76 -17.28 -20.01
N ASP A 39 0.95 -18.24 -19.55
CA ASP A 39 0.24 -18.04 -18.29
C ASP A 39 1.14 -18.47 -17.15
N PHE A 40 0.57 -18.63 -15.96
CA PHE A 40 1.41 -18.96 -14.80
C PHE A 40 1.35 -20.43 -14.42
N ARG A 41 0.16 -21.03 -14.35
CA ARG A 41 0.00 -22.33 -13.70
C ARG A 41 -0.45 -23.46 -14.62
N SER A 42 -0.46 -23.25 -15.94
CA SER A 42 -0.68 -24.38 -16.84
C SER A 42 0.53 -25.30 -16.76
N PRO A 43 0.34 -26.60 -16.55
CA PRO A 43 1.49 -27.50 -16.46
C PRO A 43 2.24 -27.57 -17.79
N GLY A 44 3.56 -27.53 -17.71
CA GLY A 44 4.39 -27.60 -18.89
C GLY A 44 4.62 -26.25 -19.54
N SER A 45 3.54 -25.58 -19.93
CA SER A 45 3.63 -24.31 -20.64
C SER A 45 3.62 -23.09 -19.74
N GLY A 46 3.12 -23.21 -18.51
CA GLY A 46 3.06 -22.07 -17.63
C GLY A 46 4.43 -21.61 -17.16
N LEU A 47 4.47 -20.37 -16.66
CA LEU A 47 5.72 -19.81 -16.17
C LEU A 47 6.30 -20.63 -15.02
N TYR A 48 5.44 -21.10 -14.12
CA TYR A 48 5.93 -21.82 -12.96
C TYR A 48 6.61 -23.13 -13.32
N SER A 49 6.48 -23.60 -14.56
CA SER A 49 7.17 -24.79 -15.03
C SER A 49 8.43 -24.48 -15.83
N ASN A 50 8.75 -23.21 -16.04
CA ASN A 50 9.86 -22.81 -16.91
C ASN A 50 10.74 -21.77 -16.24
N LEU A 51 11.05 -21.97 -14.96
CA LEU A 51 11.92 -21.07 -14.21
C LEU A 51 13.16 -21.80 -13.70
N GLN A 52 13.65 -22.78 -14.45
CA GLN A 52 14.82 -23.54 -14.01
C GLN A 52 16.08 -22.68 -14.00
N GLN A 53 16.23 -21.81 -14.99
CA GLN A 53 17.46 -21.04 -15.11
C GLN A 53 17.42 -19.78 -14.25
N TYR A 54 16.71 -19.84 -13.13
CA TYR A 54 16.59 -18.70 -12.23
C TYR A 54 16.94 -19.12 -10.81
N ASP A 55 17.57 -18.20 -10.09
CA ASP A 55 18.01 -18.45 -8.72
C ASP A 55 16.80 -18.30 -7.79
N LEU A 56 15.96 -19.33 -7.81
CA LEU A 56 14.72 -19.34 -7.04
C LEU A 56 14.63 -20.63 -6.24
N PRO A 57 14.33 -20.56 -4.94
CA PRO A 57 14.04 -21.80 -4.21
C PRO A 57 12.80 -22.50 -4.74
N TYR A 58 11.69 -21.77 -4.89
CA TYR A 58 10.47 -22.26 -5.50
C TYR A 58 9.95 -21.20 -6.47
N PRO A 59 9.30 -21.63 -7.57
CA PRO A 59 8.98 -20.68 -8.64
C PRO A 59 8.14 -19.49 -8.21
N GLU A 60 7.22 -19.67 -7.26
CA GLU A 60 6.36 -18.56 -6.86
C GLU A 60 7.12 -17.43 -6.19
N ALA A 61 8.34 -17.70 -5.70
CA ALA A 61 9.10 -16.70 -4.97
C ALA A 61 9.45 -15.49 -5.84
N ILE A 62 9.54 -15.68 -7.16
CA ILE A 62 9.93 -14.58 -8.04
C ILE A 62 8.87 -13.49 -8.09
N PHE A 63 7.63 -13.80 -7.70
CA PHE A 63 6.56 -12.83 -7.63
C PHE A 63 6.11 -12.57 -6.20
N GLU A 64 6.93 -12.91 -5.22
CA GLU A 64 6.63 -12.69 -3.81
C GLU A 64 7.42 -11.48 -3.31
N LEU A 65 6.73 -10.57 -2.62
CA LEU A 65 7.37 -9.35 -2.17
C LEU A 65 8.54 -9.60 -1.20
N PRO A 66 8.42 -10.47 -0.18
CA PRO A 66 9.60 -10.68 0.70
C PRO A 66 10.83 -11.13 -0.06
N PHE A 67 10.70 -12.06 -0.99
CA PHE A 67 11.86 -12.45 -1.79
C PHE A 67 12.38 -11.30 -2.63
N PHE A 68 11.47 -10.44 -3.12
CA PHE A 68 11.89 -9.29 -3.92
C PHE A 68 12.78 -8.35 -3.10
N PHE A 69 12.42 -8.10 -1.84
CA PHE A 69 13.27 -7.30 -0.96
C PHE A 69 14.59 -7.99 -0.70
N HIS A 70 14.60 -9.33 -0.65
CA HIS A 70 15.84 -10.06 -0.41
C HIS A 70 16.75 -10.02 -1.65
N ASN A 71 16.18 -10.24 -2.83
CA ASN A 71 16.98 -10.28 -4.05
C ASN A 71 16.11 -9.98 -5.27
N PRO A 72 16.13 -8.75 -5.77
CA PRO A 72 15.28 -8.41 -6.92
C PRO A 72 15.86 -8.80 -8.27
N LYS A 73 17.10 -9.26 -8.32
CA LYS A 73 17.73 -9.56 -9.61
C LYS A 73 17.00 -10.65 -10.40
N PRO A 74 16.54 -11.76 -9.81
CA PRO A 74 15.80 -12.74 -10.62
C PRO A 74 14.53 -12.19 -11.22
N PHE A 75 13.83 -11.27 -10.55
CA PHE A 75 12.60 -10.74 -11.12
C PHE A 75 12.89 -9.90 -12.36
N PHE A 76 13.88 -9.00 -12.27
CA PHE A 76 14.20 -8.16 -13.41
C PHE A 76 14.86 -8.94 -14.53
N THR A 77 15.50 -10.07 -14.23
CA THR A 77 16.00 -10.94 -15.29
C THR A 77 14.86 -11.54 -16.09
N LEU A 78 13.81 -12.02 -15.40
CA LEU A 78 12.63 -12.51 -16.11
C LEU A 78 11.90 -11.39 -16.82
N ALA A 79 11.89 -10.19 -16.23
CA ALA A 79 11.22 -9.05 -16.87
C ALA A 79 11.83 -8.76 -18.24
N LYS A 80 13.15 -8.92 -18.36
CA LYS A 80 13.82 -8.69 -19.64
C LYS A 80 13.40 -9.69 -20.71
N GLU A 81 12.58 -10.69 -20.40
CA GLU A 81 12.16 -11.67 -21.37
C GLU A 81 10.88 -11.27 -22.10
N LEU A 82 9.91 -10.73 -21.38
CA LEU A 82 8.63 -10.30 -21.95
C LEU A 82 8.53 -8.80 -22.09
N TYR A 83 9.53 -8.04 -21.60
CA TYR A 83 9.58 -6.61 -21.88
C TYR A 83 9.84 -6.32 -23.35
N PRO A 84 10.83 -6.92 -24.02
CA PRO A 84 11.13 -6.49 -25.41
C PRO A 84 10.05 -6.89 -26.41
N GLY A 85 9.34 -8.00 -26.18
CA GLY A 85 8.36 -8.45 -27.14
C GLY A 85 7.16 -7.52 -27.22
N ASN A 86 6.63 -7.39 -28.43
CA ASN A 86 5.43 -6.61 -28.69
C ASN A 86 4.25 -7.57 -28.83
N TYR A 87 3.23 -7.39 -28.00
CA TYR A 87 2.09 -8.28 -27.95
C TYR A 87 0.83 -7.55 -28.39
N LYS A 88 -0.05 -8.27 -29.09
CA LYS A 88 -1.28 -7.71 -29.62
C LYS A 88 -2.48 -8.38 -28.96
N PRO A 89 -3.60 -7.66 -28.82
CA PRO A 89 -4.81 -8.28 -28.28
C PRO A 89 -5.39 -9.30 -29.25
N ASN A 90 -6.14 -10.25 -28.70
CA ASN A 90 -6.76 -11.31 -29.49
C ASN A 90 -8.29 -11.19 -29.45
N VAL A 91 -8.96 -12.24 -29.93
CA VAL A 91 -10.41 -12.22 -30.08
C VAL A 91 -11.12 -12.02 -28.74
N THR A 92 -10.51 -12.50 -27.65
N THR A 92 -10.52 -12.49 -27.65
CA THR A 92 -11.13 -12.31 -26.34
CA THR A 92 -11.15 -12.31 -26.34
C THR A 92 -11.13 -10.84 -25.93
C THR A 92 -11.12 -10.84 -25.94
N HIS A 93 -10.01 -10.14 -26.18
CA HIS A 93 -9.93 -8.72 -25.84
C HIS A 93 -10.90 -7.89 -26.67
N TYR A 94 -11.04 -8.21 -27.96
CA TYR A 94 -11.94 -7.46 -28.81
C TYR A 94 -13.40 -7.78 -28.52
N PHE A 95 -13.69 -9.01 -28.08
CA PHE A 95 -15.03 -9.29 -27.60
C PHE A 95 -15.39 -8.39 -26.42
N LEU A 96 -14.43 -8.17 -25.52
CA LEU A 96 -14.69 -7.34 -24.35
C LEU A 96 -14.76 -5.86 -24.73
N ARG A 97 -13.98 -5.45 -25.73
CA ARG A 97 -14.07 -4.08 -26.24
C ARG A 97 -15.41 -3.85 -26.94
N LEU A 98 -15.92 -4.87 -27.64
CA LEU A 98 -17.25 -4.77 -28.24
C LEU A 98 -18.34 -4.76 -27.18
N LEU A 99 -18.18 -5.56 -26.13
CA LEU A 99 -19.09 -5.49 -25.00
C LEU A 99 -19.18 -4.07 -24.46
N HIS A 100 -18.04 -3.38 -24.38
CA HIS A 100 -18.04 -2.00 -23.93
C HIS A 100 -18.75 -1.09 -24.92
N ASP A 101 -18.41 -1.21 -26.21
CA ASP A 101 -18.99 -0.33 -27.22
C ASP A 101 -20.50 -0.47 -27.30
N LYS A 102 -21.04 -1.63 -26.95
CA LYS A 102 -22.48 -1.82 -26.93
C LYS A 102 -23.12 -1.39 -25.61
N GLY A 103 -22.35 -0.77 -24.73
CA GLY A 103 -22.89 -0.26 -23.48
C GLY A 103 -23.31 -1.32 -22.49
N LEU A 104 -22.75 -2.52 -22.59
CA LEU A 104 -23.12 -3.63 -21.73
C LEU A 104 -22.11 -3.90 -20.61
N LEU A 105 -20.93 -3.29 -20.67
CA LEU A 105 -19.87 -3.58 -19.72
C LEU A 105 -19.98 -2.67 -18.50
N LEU A 106 -20.19 -3.27 -17.34
CA LEU A 106 -20.17 -2.51 -16.09
C LEU A 106 -18.74 -2.25 -15.64
N ARG A 107 -17.91 -3.29 -15.61
CA ARG A 107 -16.50 -3.16 -15.25
C ARG A 107 -15.78 -4.44 -15.66
N LEU A 108 -14.53 -4.30 -16.11
CA LEU A 108 -13.67 -5.42 -16.46
C LEU A 108 -12.56 -5.52 -15.41
N TYR A 109 -12.61 -6.58 -14.61
CA TYR A 109 -11.59 -6.82 -13.60
C TYR A 109 -10.55 -7.76 -14.19
N THR A 110 -9.31 -7.30 -14.29
CA THR A 110 -8.25 -8.11 -14.88
C THR A 110 -7.12 -8.32 -13.87
N GLN A 111 -6.60 -9.55 -13.85
CA GLN A 111 -5.40 -9.89 -13.12
C GLN A 111 -4.15 -9.72 -13.96
N ASN A 112 -4.31 -9.47 -15.25
CA ASN A 112 -3.19 -9.43 -16.17
C ASN A 112 -2.44 -8.11 -16.04
N ILE A 113 -1.13 -8.18 -16.27
CA ILE A 113 -0.29 -6.99 -16.31
C ILE A 113 0.30 -6.78 -17.71
N ASP A 114 -0.31 -7.38 -18.73
CA ASP A 114 0.17 -7.19 -20.09
C ASP A 114 -0.39 -5.95 -20.76
N GLY A 115 -1.32 -5.25 -20.12
CA GLY A 115 -1.89 -4.03 -20.68
C GLY A 115 -2.69 -4.20 -21.95
N LEU A 116 -3.01 -5.43 -22.36
CA LEU A 116 -3.72 -5.63 -23.62
C LEU A 116 -5.16 -5.11 -23.57
N GLU A 117 -5.79 -5.07 -22.39
CA GLU A 117 -7.13 -4.51 -22.32
C GLU A 117 -7.11 -3.03 -22.69
N ARG A 118 -6.12 -2.28 -22.21
CA ARG A 118 -6.01 -0.88 -22.61
C ARG A 118 -5.68 -0.75 -24.09
N VAL A 119 -4.82 -1.62 -24.61
CA VAL A 119 -4.48 -1.59 -26.03
C VAL A 119 -5.73 -1.80 -26.89
N SER A 120 -6.65 -2.64 -26.42
CA SER A 120 -7.85 -2.91 -27.22
C SER A 120 -8.82 -1.73 -27.21
N GLY A 121 -8.53 -0.67 -26.47
CA GLY A 121 -9.34 0.53 -26.48
C GLY A 121 -10.39 0.61 -25.42
N ILE A 122 -10.32 -0.21 -24.38
CA ILE A 122 -11.24 -0.09 -23.25
C ILE A 122 -10.75 1.02 -22.33
N PRO A 123 -11.58 2.01 -22.01
CA PRO A 123 -11.11 3.13 -21.18
C PRO A 123 -10.75 2.66 -19.78
N ALA A 124 -9.82 3.39 -19.14
CA ALA A 124 -9.32 2.99 -17.84
C ALA A 124 -10.42 3.00 -16.78
N SER A 125 -11.44 3.83 -16.96
CA SER A 125 -12.54 3.89 -15.99
C SER A 125 -13.32 2.58 -15.95
N LYS A 126 -13.37 1.85 -17.07
CA LYS A 126 -14.04 0.56 -17.12
C LYS A 126 -13.13 -0.59 -16.69
N LEU A 127 -11.85 -0.33 -16.44
CA LEU A 127 -10.90 -1.35 -16.06
C LEU A 127 -10.56 -1.27 -14.59
N VAL A 128 -10.40 -2.43 -13.96
CA VAL A 128 -9.78 -2.53 -12.65
C VAL A 128 -8.59 -3.47 -12.82
N GLU A 129 -7.39 -2.89 -12.87
CA GLU A 129 -6.15 -3.65 -13.00
C GLU A 129 -5.73 -4.09 -11.60
N ALA A 130 -6.35 -5.20 -11.16
CA ALA A 130 -6.29 -5.62 -9.77
C ALA A 130 -4.88 -6.01 -9.33
N HIS A 131 -4.02 -6.42 -10.27
CA HIS A 131 -2.64 -6.79 -9.96
C HIS A 131 -1.63 -5.80 -10.53
N GLY A 132 -2.07 -4.60 -10.87
CA GLY A 132 -1.15 -3.55 -11.22
C GLY A 132 -0.90 -3.44 -12.72
N THR A 133 0.20 -2.73 -13.04
CA THR A 133 0.54 -2.41 -14.41
C THR A 133 2.02 -2.09 -14.49
N PHE A 134 2.60 -2.31 -15.67
CA PHE A 134 3.96 -1.90 -15.96
C PHE A 134 4.04 -0.47 -16.48
N ALA A 135 2.89 0.18 -16.70
CA ALA A 135 2.89 1.51 -17.30
C ALA A 135 3.53 2.55 -16.41
N SER A 136 3.59 2.30 -15.10
CA SER A 136 4.23 3.19 -14.15
C SER A 136 5.07 2.37 -13.19
N ALA A 137 6.01 3.05 -12.53
CA ALA A 137 6.89 2.43 -11.55
C ALA A 137 7.06 3.38 -10.37
N THR A 138 7.52 2.83 -9.26
CA THR A 138 7.67 3.60 -8.02
C THR A 138 8.91 3.12 -7.28
N CYS A 139 9.67 4.07 -6.73
CA CYS A 139 10.78 3.73 -5.87
C CYS A 139 10.27 3.06 -4.60
N THR A 140 10.79 1.88 -4.29
CA THR A 140 10.39 1.17 -3.09
C THR A 140 10.83 1.87 -1.81
N VAL A 141 11.67 2.89 -1.91
CA VAL A 141 12.18 3.60 -0.73
C VAL A 141 11.49 4.95 -0.55
N CYS A 142 11.64 5.86 -1.51
CA CYS A 142 11.16 7.22 -1.34
C CYS A 142 9.76 7.45 -1.92
N GLN A 143 9.16 6.42 -2.53
CA GLN A 143 7.81 6.44 -3.11
C GLN A 143 7.70 7.31 -4.35
N ARG A 144 8.80 7.82 -4.89
CA ARG A 144 8.72 8.69 -6.06
C ARG A 144 8.20 7.91 -7.26
N PRO A 145 7.27 8.47 -8.04
CA PRO A 145 6.76 7.77 -9.22
C PRO A 145 7.58 8.07 -10.47
N PHE A 146 7.58 7.10 -11.39
CA PHE A 146 8.28 7.25 -12.65
C PHE A 146 7.49 6.56 -13.74
N PRO A 147 7.52 7.07 -14.98
CA PRO A 147 6.89 6.35 -16.08
C PRO A 147 7.54 4.99 -16.27
N GLY A 148 6.74 4.01 -16.71
CA GLY A 148 7.23 2.66 -16.86
C GLY A 148 8.43 2.55 -17.79
N GLU A 149 8.50 3.42 -18.80
CA GLU A 149 9.61 3.38 -19.75
C GLU A 149 10.94 3.75 -19.11
N ASP A 150 10.93 4.49 -18.00
CA ASP A 150 12.18 4.94 -17.39
C ASP A 150 13.04 3.80 -16.87
N ILE A 151 12.44 2.64 -16.61
CA ILE A 151 13.21 1.48 -16.15
C ILE A 151 13.42 0.45 -17.25
N ARG A 152 12.88 0.68 -18.45
CA ARG A 152 13.01 -0.30 -19.53
C ARG A 152 14.48 -0.51 -19.90
N ALA A 153 15.22 0.59 -20.11
CA ALA A 153 16.60 0.47 -20.54
C ALA A 153 17.47 -0.19 -19.49
N ASP A 154 17.23 0.10 -18.20
CA ASP A 154 17.99 -0.54 -17.15
C ASP A 154 17.76 -2.05 -17.11
N VAL A 155 16.51 -2.47 -17.30
CA VAL A 155 16.22 -3.91 -17.30
C VAL A 155 16.88 -4.59 -18.49
N MET A 156 16.96 -3.90 -19.63
CA MET A 156 17.58 -4.51 -20.81
C MET A 156 19.09 -4.64 -20.63
N ALA A 157 19.72 -3.76 -19.87
CA ALA A 157 21.16 -3.78 -19.65
C ALA A 157 21.56 -4.60 -18.42
N ASP A 158 20.74 -5.58 -18.03
CA ASP A 158 21.06 -6.50 -16.95
C ASP A 158 21.26 -5.80 -15.61
N ARG A 159 20.55 -4.69 -15.39
CA ARG A 159 20.68 -3.91 -14.16
C ARG A 159 19.35 -3.83 -13.43
N VAL A 160 19.41 -3.90 -12.10
CA VAL A 160 18.25 -3.62 -11.26
C VAL A 160 18.05 -2.11 -11.26
N PRO A 161 16.88 -1.62 -11.68
CA PRO A 161 16.69 -0.16 -11.80
C PRO A 161 16.68 0.50 -10.43
N ARG A 162 17.39 1.62 -10.32
CA ARG A 162 17.55 2.31 -9.04
C ARG A 162 17.10 3.76 -9.17
N CYS A 163 16.63 4.29 -8.04
CA CYS A 163 16.03 5.62 -8.01
C CYS A 163 17.08 6.69 -8.34
N PRO A 164 16.81 7.60 -9.28
CA PRO A 164 17.81 8.63 -9.61
C PRO A 164 18.02 9.63 -8.50
N VAL A 165 17.16 9.65 -7.49
CA VAL A 165 17.28 10.59 -6.38
C VAL A 165 17.95 9.94 -5.17
N CYS A 166 17.47 8.77 -4.75
CA CYS A 166 17.91 8.16 -3.50
C CYS A 166 18.56 6.79 -3.66
N THR A 167 18.65 6.26 -4.88
CA THR A 167 19.24 4.98 -5.26
C THR A 167 18.39 3.79 -4.84
N GLY A 168 17.22 3.99 -4.26
CA GLY A 168 16.37 2.87 -3.91
C GLY A 168 15.97 2.07 -5.13
N VAL A 169 15.72 0.79 -4.92
CA VAL A 169 15.26 -0.08 -6.00
C VAL A 169 13.89 0.39 -6.45
N VAL A 170 13.74 0.60 -7.77
CA VAL A 170 12.48 1.04 -8.34
C VAL A 170 11.71 -0.17 -8.83
N LYS A 171 10.44 -0.26 -8.45
CA LYS A 171 9.59 -1.39 -8.78
C LYS A 171 8.50 -0.95 -9.75
N PRO A 172 8.23 -1.71 -10.82
CA PRO A 172 7.02 -1.44 -11.60
C PRO A 172 5.79 -1.66 -10.74
N ASP A 173 4.72 -0.91 -11.05
CA ASP A 173 3.56 -0.90 -10.17
C ASP A 173 2.68 -2.13 -10.34
N ILE A 174 3.29 -3.32 -10.34
CA ILE A 174 2.54 -4.57 -10.32
C ILE A 174 2.41 -4.98 -8.86
N VAL A 175 1.51 -5.92 -8.58
CA VAL A 175 1.23 -6.33 -7.21
C VAL A 175 1.86 -7.68 -6.99
N PHE A 176 2.95 -7.70 -6.21
CA PHE A 176 3.58 -8.96 -5.84
C PHE A 176 2.78 -9.65 -4.74
N PHE A 177 3.08 -10.94 -4.54
CA PHE A 177 2.54 -11.69 -3.42
C PHE A 177 2.95 -11.05 -2.10
N GLY A 178 1.97 -10.69 -1.28
CA GLY A 178 2.24 -10.02 -0.02
C GLY A 178 2.12 -8.52 -0.06
N GLU A 179 1.78 -7.94 -1.22
CA GLU A 179 1.60 -6.53 -1.50
C GLU A 179 0.13 -6.21 -1.64
N PRO A 180 -0.36 -5.11 -1.06
CA PRO A 180 -1.80 -4.80 -1.16
C PRO A 180 -2.19 -4.50 -2.59
N LEU A 181 -3.47 -4.75 -2.89
CA LEU A 181 -4.00 -4.43 -4.20
C LEU A 181 -4.22 -2.92 -4.31
N PRO A 182 -4.29 -2.39 -5.53
CA PRO A 182 -4.54 -0.95 -5.70
C PRO A 182 -5.93 -0.56 -5.18
N GLN A 183 -6.10 0.75 -5.01
CA GLN A 183 -7.31 1.29 -4.41
C GLN A 183 -8.55 0.94 -5.23
N ARG A 184 -8.42 0.94 -6.57
CA ARG A 184 -9.56 0.69 -7.44
C ARG A 184 -10.15 -0.71 -7.25
N PHE A 185 -9.47 -1.61 -6.55
CA PHE A 185 -10.06 -2.91 -6.24
C PHE A 185 -11.33 -2.77 -5.42
N LEU A 186 -11.40 -1.74 -4.56
CA LEU A 186 -12.57 -1.54 -3.72
C LEU A 186 -13.84 -1.24 -4.51
N LEU A 187 -13.74 -1.00 -5.82
CA LEU A 187 -14.93 -0.80 -6.63
C LEU A 187 -15.84 -2.01 -6.66
N HIS A 188 -15.34 -3.19 -6.27
CA HIS A 188 -16.19 -4.38 -6.27
C HIS A 188 -17.36 -4.24 -5.30
N VAL A 189 -17.23 -3.41 -4.26
CA VAL A 189 -18.34 -3.26 -3.32
C VAL A 189 -19.56 -2.64 -3.98
N VAL A 190 -19.39 -1.86 -5.06
CA VAL A 190 -20.51 -1.31 -5.79
C VAL A 190 -20.76 -2.03 -7.11
N ASP A 191 -19.72 -2.56 -7.76
CA ASP A 191 -19.92 -3.20 -9.05
C ASP A 191 -20.64 -4.53 -8.92
N PHE A 192 -20.08 -5.43 -8.11
CA PHE A 192 -20.63 -6.78 -8.03
C PHE A 192 -22.06 -6.85 -7.50
N PRO A 193 -22.48 -6.05 -6.51
CA PRO A 193 -23.90 -6.09 -6.13
C PRO A 193 -24.85 -5.70 -7.25
N MET A 194 -24.40 -4.92 -8.22
CA MET A 194 -25.26 -4.46 -9.31
C MET A 194 -25.15 -5.31 -10.58
N ALA A 195 -24.17 -6.20 -10.66
CA ALA A 195 -23.99 -6.99 -11.87
C ALA A 195 -25.19 -7.92 -12.07
N ASP A 196 -25.68 -7.99 -13.30
CA ASP A 196 -26.70 -8.96 -13.67
C ASP A 196 -26.14 -10.10 -14.52
N LEU A 197 -24.84 -10.10 -14.78
CA LEU A 197 -24.17 -11.22 -15.45
C LEU A 197 -22.69 -11.14 -15.15
N LEU A 198 -22.08 -12.29 -14.87
CA LEU A 198 -20.66 -12.39 -14.55
C LEU A 198 -19.98 -13.32 -15.55
N LEU A 199 -18.94 -12.82 -16.21
CA LEU A 199 -18.12 -13.63 -17.12
C LEU A 199 -16.75 -13.82 -16.49
N ILE A 200 -16.29 -15.06 -16.46
CA ILE A 200 -14.96 -15.41 -15.95
C ILE A 200 -14.23 -16.10 -17.09
N LEU A 201 -13.10 -15.53 -17.52
CA LEU A 201 -12.37 -16.03 -18.68
C LEU A 201 -10.92 -16.28 -18.31
N GLY A 202 -10.43 -17.49 -18.59
CA GLY A 202 -9.01 -17.77 -18.55
C GLY A 202 -8.29 -17.46 -17.25
N THR A 203 -8.81 -17.91 -16.12
CA THR A 203 -8.10 -17.77 -14.86
C THR A 203 -8.29 -19.04 -14.05
N SER A 204 -7.27 -19.39 -13.27
CA SER A 204 -7.33 -20.58 -12.45
C SER A 204 -8.06 -20.35 -11.13
N LEU A 205 -8.34 -19.10 -10.78
CA LEU A 205 -9.05 -18.74 -9.54
C LEU A 205 -8.35 -19.32 -8.31
N GLU A 206 -7.02 -19.27 -8.30
CA GLU A 206 -6.24 -19.73 -7.16
C GLU A 206 -5.65 -18.60 -6.33
N VAL A 207 -5.67 -17.36 -6.83
CA VAL A 207 -5.05 -16.23 -6.14
C VAL A 207 -6.15 -15.39 -5.50
N GLU A 208 -6.06 -15.19 -4.18
CA GLU A 208 -6.96 -14.35 -3.42
C GLU A 208 -6.37 -12.96 -3.28
N PRO A 209 -7.22 -11.93 -3.07
CA PRO A 209 -8.67 -11.98 -2.91
C PRO A 209 -9.45 -11.91 -4.22
N PHE A 210 -8.75 -11.76 -5.35
CA PHE A 210 -9.44 -11.67 -6.63
C PHE A 210 -10.34 -12.87 -6.88
N ALA A 211 -9.87 -14.07 -6.54
CA ALA A 211 -10.65 -15.28 -6.83
C ALA A 211 -12.02 -15.24 -6.16
N SER A 212 -12.09 -14.75 -4.92
CA SER A 212 -13.34 -14.76 -4.19
C SER A 212 -14.38 -13.79 -4.76
N LEU A 213 -14.00 -12.95 -5.73
CA LEU A 213 -14.99 -12.07 -6.34
C LEU A 213 -16.06 -12.85 -7.10
N THR A 214 -15.78 -14.09 -7.52
CA THR A 214 -16.80 -14.89 -8.17
C THR A 214 -18.00 -15.11 -7.27
N GLU A 215 -17.79 -15.10 -5.95
CA GLU A 215 -18.88 -15.29 -5.00
C GLU A 215 -19.60 -14.00 -4.63
N ALA A 216 -19.10 -12.85 -5.06
CA ALA A 216 -19.68 -11.58 -4.61
C ALA A 216 -20.94 -11.19 -5.38
N VAL A 217 -21.18 -11.78 -6.55
CA VAL A 217 -22.41 -11.49 -7.28
C VAL A 217 -23.60 -12.09 -6.53
N ARG A 218 -24.77 -11.51 -6.76
CA ARG A 218 -26.00 -12.03 -6.17
C ARG A 218 -26.23 -13.47 -6.63
N SER A 219 -26.91 -14.24 -5.77
CA SER A 219 -27.07 -15.67 -6.03
C SER A 219 -27.91 -15.96 -7.26
N SER A 220 -28.73 -15.00 -7.70
CA SER A 220 -29.54 -15.19 -8.89
C SER A 220 -28.80 -14.79 -10.18
N VAL A 221 -27.56 -14.35 -10.09
CA VAL A 221 -26.81 -13.86 -11.25
C VAL A 221 -26.12 -15.03 -11.95
N PRO A 222 -26.35 -15.22 -13.25
CA PRO A 222 -25.65 -16.28 -13.97
C PRO A 222 -24.16 -15.99 -14.09
N ARG A 223 -23.36 -17.05 -14.01
CA ARG A 223 -21.91 -16.95 -14.09
C ARG A 223 -21.45 -17.84 -15.24
N LEU A 224 -20.87 -17.24 -16.27
CA LEU A 224 -20.38 -17.96 -17.44
C LEU A 224 -18.87 -18.07 -17.36
N LEU A 225 -18.37 -19.29 -17.25
CA LEU A 225 -16.94 -19.56 -17.19
C LEU A 225 -16.48 -20.12 -18.54
N ILE A 226 -15.55 -19.42 -19.18
CA ILE A 226 -14.91 -19.89 -20.41
C ILE A 226 -13.45 -20.13 -20.05
N ASN A 227 -13.08 -21.40 -19.89
CA ASN A 227 -11.77 -21.73 -19.34
C ASN A 227 -11.45 -23.16 -19.74
N ARG A 228 -10.18 -23.53 -19.59
CA ARG A 228 -9.79 -24.90 -19.88
C ARG A 228 -10.39 -25.86 -18.85
N ASP A 229 -10.46 -25.45 -17.58
CA ASP A 229 -10.91 -26.31 -16.50
C ASP A 229 -11.95 -25.60 -15.65
N LEU A 230 -12.80 -26.40 -15.02
CA LEU A 230 -13.68 -25.87 -13.97
C LEU A 230 -12.86 -25.61 -12.72
N VAL A 231 -12.78 -24.35 -12.31
CA VAL A 231 -11.83 -23.94 -11.28
C VAL A 231 -12.54 -23.06 -10.25
N GLY A 232 -11.93 -22.98 -9.07
CA GLY A 232 -12.30 -22.01 -8.07
C GLY A 232 -13.65 -22.29 -7.42
N PRO A 233 -14.26 -21.25 -6.86
CA PRO A 233 -15.59 -21.43 -6.24
C PRO A 233 -16.63 -21.97 -7.20
N LEU A 234 -16.43 -21.84 -8.51
CA LEU A 234 -17.32 -22.47 -9.48
C LEU A 234 -17.26 -23.99 -9.41
N ALA A 235 -16.19 -24.56 -8.84
CA ALA A 235 -16.09 -26.01 -8.75
C ALA A 235 -16.62 -26.55 -7.42
N TRP A 236 -16.43 -25.84 -6.31
CA TRP A 236 -16.89 -26.35 -5.02
C TRP A 236 -18.12 -25.65 -4.46
N HIS A 237 -18.44 -24.46 -4.94
CA HIS A 237 -19.66 -23.75 -4.57
C HIS A 237 -20.42 -23.37 -5.84
N PRO A 238 -20.93 -24.35 -6.58
CA PRO A 238 -21.65 -24.04 -7.82
C PRO A 238 -23.06 -23.53 -7.52
N ARG A 239 -23.59 -22.77 -8.48
CA ARG A 239 -24.89 -22.15 -8.36
C ARG A 239 -25.79 -22.56 -9.52
N SER A 240 -27.09 -22.34 -9.34
CA SER A 240 -28.08 -22.89 -10.27
C SER A 240 -27.91 -22.32 -11.68
N ARG A 241 -27.45 -21.07 -11.79
CA ARG A 241 -27.37 -20.40 -13.08
C ARG A 241 -25.94 -20.32 -13.60
N ASP A 242 -25.10 -21.27 -13.23
CA ASP A 242 -23.72 -21.31 -13.70
C ASP A 242 -23.65 -22.06 -15.03
N VAL A 243 -22.94 -21.47 -15.99
CA VAL A 243 -22.70 -22.10 -17.28
C VAL A 243 -21.19 -22.23 -17.43
N ALA A 244 -20.73 -23.41 -17.87
CA ALA A 244 -19.31 -23.65 -18.07
C ALA A 244 -19.09 -24.02 -19.53
N GLN A 245 -18.38 -23.16 -20.26
CA GLN A 245 -17.96 -23.45 -21.63
C GLN A 245 -16.48 -23.84 -21.55
N LEU A 246 -16.26 -25.12 -21.26
CA LEU A 246 -14.93 -25.61 -20.99
C LEU A 246 -14.18 -25.90 -22.28
N GLY A 247 -12.93 -25.47 -22.34
CA GLY A 247 -12.08 -25.62 -23.50
C GLY A 247 -11.31 -24.35 -23.74
N ASP A 248 -10.89 -24.16 -24.99
CA ASP A 248 -10.11 -22.99 -25.34
C ASP A 248 -10.97 -21.74 -25.25
N VAL A 249 -10.40 -20.68 -24.68
CA VAL A 249 -11.13 -19.42 -24.59
C VAL A 249 -11.36 -18.83 -25.98
N VAL A 250 -10.43 -19.06 -26.91
CA VAL A 250 -10.63 -18.60 -28.29
C VAL A 250 -11.89 -19.21 -28.87
N HIS A 251 -12.01 -20.54 -28.81
CA HIS A 251 -13.18 -21.22 -29.37
C HIS A 251 -14.46 -20.79 -28.66
N GLY A 252 -14.41 -20.66 -27.34
CA GLY A 252 -15.61 -20.31 -26.58
C GLY A 252 -16.08 -18.89 -26.86
N VAL A 253 -15.14 -17.94 -26.92
CA VAL A 253 -15.51 -16.58 -27.30
C VAL A 253 -16.03 -16.54 -28.72
N GLU A 254 -15.37 -17.26 -29.64
CA GLU A 254 -15.84 -17.31 -31.02
C GLU A 254 -17.27 -17.84 -31.09
N SER A 255 -17.57 -18.91 -30.33
CA SER A 255 -18.93 -19.44 -30.33
C SER A 255 -19.92 -18.41 -29.80
N LEU A 256 -19.51 -17.62 -28.79
CA LEU A 256 -20.42 -16.67 -28.18
C LEU A 256 -20.76 -15.52 -29.15
N VAL A 257 -19.76 -15.01 -29.87
CA VAL A 257 -20.00 -13.94 -30.83
C VAL A 257 -20.97 -14.41 -31.91
N GLU A 258 -20.85 -15.66 -32.33
CA GLU A 258 -21.74 -16.20 -33.35
C GLU A 258 -23.19 -16.27 -32.84
N LEU A 259 -23.37 -16.77 -31.62
CA LEU A 259 -24.71 -16.85 -31.04
C LEU A 259 -25.29 -15.45 -30.79
N LEU A 260 -24.43 -14.46 -30.55
CA LEU A 260 -24.89 -13.09 -30.37
C LEU A 260 -25.15 -12.38 -31.69
N GLY A 261 -24.67 -12.93 -32.81
CA GLY A 261 -24.77 -12.23 -34.06
C GLY A 261 -23.92 -10.97 -34.14
N TRP A 262 -22.76 -10.97 -33.49
CA TRP A 262 -21.87 -9.81 -33.47
C TRP A 262 -20.73 -9.94 -34.46
N THR A 263 -20.82 -10.91 -35.38
CA THR A 263 -19.73 -11.17 -36.31
C THR A 263 -19.41 -9.94 -37.16
N GLU A 264 -20.44 -9.25 -37.66
CA GLU A 264 -20.18 -8.10 -38.51
C GLU A 264 -19.59 -6.93 -37.72
N GLU A 265 -20.05 -6.74 -36.47
CA GLU A 265 -19.48 -5.70 -35.63
C GLU A 265 -18.03 -6.01 -35.27
N MET A 266 -17.74 -7.29 -35.02
CA MET A 266 -16.38 -7.68 -34.69
C MET A 266 -15.41 -7.41 -35.84
N ARG A 267 -15.86 -7.67 -37.07
CA ARG A 267 -15.00 -7.42 -38.23
C ARG A 267 -14.68 -5.94 -38.37
N ASP A 268 -15.69 -5.08 -38.21
N ASP A 268 -15.68 -5.07 -38.20
CA ASP A 268 -15.45 -3.64 -38.32
CA ASP A 268 -15.45 -3.64 -38.31
C ASP A 268 -14.44 -3.17 -37.26
C ASP A 268 -14.46 -3.15 -37.26
N LEU A 269 -14.58 -3.67 -36.03
CA LEU A 269 -13.68 -3.26 -34.96
C LEU A 269 -12.26 -3.74 -35.22
N VAL A 270 -12.10 -5.00 -35.63
CA VAL A 270 -10.77 -5.54 -35.91
C VAL A 270 -10.10 -4.77 -37.05
N GLN A 271 -10.87 -4.41 -38.08
CA GLN A 271 -10.29 -3.71 -39.22
C GLN A 271 -9.85 -2.31 -38.84
N ARG A 272 -10.56 -1.66 -37.92
CA ARG A 272 -10.20 -0.32 -37.50
C ARG A 272 -8.99 -0.33 -36.57
N GLU A 273 -8.94 -1.30 -35.64
CA GLU A 273 -7.83 -1.38 -34.71
C GLU A 273 -6.55 -1.81 -35.41
N THR A 274 -6.54 -3.02 -35.97
CA THR A 274 -5.37 -3.55 -36.66
C THR A 274 -5.20 -2.88 -38.02
N LYS B 5 30.74 25.15 14.24
CA LYS B 5 29.86 24.32 15.06
C LYS B 5 28.74 25.18 15.65
N LEU B 6 27.56 24.59 15.76
CA LEU B 6 26.38 25.28 16.26
C LEU B 6 25.90 24.65 17.55
N SER B 7 25.32 25.47 18.42
CA SER B 7 24.75 25.02 19.68
C SER B 7 23.24 25.25 19.67
N LEU B 8 22.58 24.79 20.73
CA LEU B 8 21.14 24.98 20.86
C LEU B 8 20.79 26.47 20.91
N GLN B 9 21.67 27.29 21.47
CA GLN B 9 21.42 28.74 21.50
C GLN B 9 21.49 29.32 20.10
N ASP B 10 22.38 28.82 19.24
CA ASP B 10 22.45 29.31 17.88
C ASP B 10 21.16 29.01 17.11
N VAL B 11 20.57 27.83 17.37
CA VAL B 11 19.34 27.46 16.67
C VAL B 11 18.18 28.34 17.12
N ALA B 12 18.07 28.59 18.43
CA ALA B 12 17.02 29.47 18.93
C ALA B 12 17.09 30.85 18.28
N GLU B 13 18.31 31.36 18.08
CA GLU B 13 18.47 32.68 17.49
C GLU B 13 18.05 32.69 16.03
N LEU B 14 18.31 31.60 15.31
CA LEU B 14 17.88 31.53 13.92
C LEU B 14 16.36 31.55 13.80
N ILE B 15 15.67 30.94 14.77
CA ILE B 15 14.21 30.98 14.77
C ILE B 15 13.71 32.38 15.10
N ARG B 16 14.26 32.98 16.16
CA ARG B 16 13.80 34.30 16.59
C ARG B 16 14.03 35.36 15.52
N ALA B 17 15.16 35.27 14.81
CA ALA B 17 15.41 36.19 13.70
C ALA B 17 14.66 35.79 12.44
N ARG B 18 13.89 34.70 12.46
CA ARG B 18 13.12 34.22 11.32
C ARG B 18 14.01 33.86 10.13
N ALA B 19 15.28 33.56 10.38
CA ALA B 19 16.09 32.89 9.37
C ALA B 19 15.65 31.45 9.18
N CYS B 20 15.00 30.87 10.19
CA CYS B 20 14.38 29.55 10.10
C CYS B 20 12.90 29.73 10.41
N GLN B 21 12.07 29.72 9.36
CA GLN B 21 10.63 29.91 9.53
C GLN B 21 9.80 28.82 8.89
N ARG B 22 10.43 27.78 8.33
CA ARG B 22 9.74 26.61 7.80
C ARG B 22 10.39 25.41 8.48
N VAL B 23 9.85 24.96 9.60
CA VAL B 23 10.46 23.90 10.38
C VAL B 23 9.76 22.59 10.05
N VAL B 24 10.54 21.56 9.73
CA VAL B 24 10.05 20.22 9.53
C VAL B 24 10.50 19.40 10.72
N VAL B 25 9.60 18.61 11.28
CA VAL B 25 9.88 17.84 12.48
C VAL B 25 9.71 16.36 12.17
N MET B 26 10.64 15.55 12.67
CA MET B 26 10.55 14.10 12.63
C MET B 26 10.61 13.60 14.06
N VAL B 27 9.60 12.83 14.47
CA VAL B 27 9.56 12.32 15.83
C VAL B 27 9.31 10.81 15.82
N GLY B 28 9.68 10.19 16.93
CA GLY B 28 9.48 8.76 17.11
C GLY B 28 8.97 8.46 18.52
N ALA B 29 9.05 7.20 18.93
CA ALA B 29 8.44 6.78 20.19
C ALA B 29 9.03 7.48 21.40
N GLY B 30 10.25 8.01 21.30
CA GLY B 30 10.87 8.66 22.44
C GLY B 30 10.12 9.88 22.94
N ILE B 31 9.28 10.49 22.11
CA ILE B 31 8.56 11.69 22.55
C ILE B 31 7.28 11.35 23.30
N SER B 32 6.96 10.07 23.43
CA SER B 32 5.77 9.64 24.15
C SER B 32 6.08 8.81 25.38
N THR B 33 7.34 8.43 25.60
CA THR B 33 7.71 7.86 26.88
C THR B 33 7.42 8.80 28.06
N PRO B 34 7.57 10.13 27.96
CA PRO B 34 7.12 10.99 29.05
C PRO B 34 5.61 11.00 29.24
N SER B 35 4.85 10.45 28.30
CA SER B 35 3.41 10.28 28.47
C SER B 35 3.03 8.93 29.08
N GLY B 36 4.00 8.06 29.34
CA GLY B 36 3.72 6.74 29.90
C GLY B 36 3.67 5.63 28.90
N ILE B 37 4.01 5.90 27.64
CA ILE B 37 4.01 4.89 26.58
C ILE B 37 5.45 4.42 26.41
N PRO B 38 5.74 3.12 26.52
CA PRO B 38 7.11 2.65 26.27
C PRO B 38 7.51 2.88 24.82
N ASP B 39 8.82 2.92 24.60
CA ASP B 39 9.31 2.94 23.23
C ASP B 39 9.53 1.49 22.78
N PHE B 40 10.23 1.28 21.67
CA PHE B 40 10.44 -0.05 21.12
C PHE B 40 11.79 -0.64 21.47
N ARG B 41 12.87 0.14 21.39
CA ARG B 41 14.22 -0.42 21.34
C ARG B 41 15.12 0.03 22.48
N SER B 42 14.61 0.77 23.46
CA SER B 42 15.40 1.04 24.65
C SER B 42 15.65 -0.27 25.40
N PRO B 43 16.87 -0.53 25.85
CA PRO B 43 17.14 -1.79 26.56
C PRO B 43 16.39 -1.85 27.88
N GLY B 44 15.85 -3.03 28.19
CA GLY B 44 15.10 -3.22 29.41
C GLY B 44 13.66 -2.78 29.34
N SER B 45 13.43 -1.51 29.03
CA SER B 45 12.08 -0.94 29.06
C SER B 45 11.37 -0.95 27.71
N GLY B 46 12.11 -1.05 26.60
CA GLY B 46 11.47 -1.04 25.30
C GLY B 46 10.59 -2.26 25.09
N LEU B 47 9.64 -2.12 24.16
CA LEU B 47 8.69 -3.20 23.89
C LEU B 47 9.41 -4.48 23.48
N TYR B 48 10.45 -4.37 22.66
CA TYR B 48 11.14 -5.56 22.18
C TYR B 48 11.81 -6.36 23.28
N SER B 49 12.12 -5.73 24.41
CA SER B 49 12.68 -6.43 25.56
C SER B 49 11.60 -6.94 26.51
N ASN B 50 10.33 -6.87 26.13
CA ASN B 50 9.24 -7.22 27.03
C ASN B 50 8.14 -7.97 26.30
N LEU B 51 8.52 -8.84 25.35
CA LEU B 51 7.57 -9.66 24.63
C LEU B 51 7.77 -11.14 24.91
N GLN B 52 8.42 -11.48 26.02
CA GLN B 52 8.74 -12.88 26.30
C GLN B 52 7.50 -13.72 26.55
N GLN B 53 6.39 -13.10 26.94
CA GLN B 53 5.16 -13.83 27.21
C GLN B 53 4.32 -14.09 25.96
N TYR B 54 4.74 -13.57 24.81
CA TYR B 54 4.00 -13.77 23.56
C TYR B 54 4.59 -14.93 22.77
N ASP B 55 3.75 -15.54 21.93
CA ASP B 55 4.15 -16.72 21.16
C ASP B 55 4.77 -16.29 19.83
N LEU B 56 5.97 -15.73 19.94
CA LEU B 56 6.71 -15.17 18.81
C LEU B 56 8.01 -15.92 18.59
N PRO B 57 8.42 -16.11 17.33
CA PRO B 57 9.73 -16.71 17.08
C PRO B 57 10.87 -15.75 17.36
N TYR B 58 10.62 -14.45 17.30
CA TYR B 58 11.59 -13.42 17.64
C TYR B 58 10.82 -12.13 17.91
N PRO B 59 11.39 -11.21 18.70
CA PRO B 59 10.60 -10.04 19.12
C PRO B 59 10.01 -9.23 17.97
N GLU B 60 10.79 -8.93 16.94
CA GLU B 60 10.30 -8.07 15.86
C GLU B 60 9.12 -8.68 15.09
N ALA B 61 8.85 -9.97 15.25
CA ALA B 61 7.84 -10.62 14.43
C ALA B 61 6.45 -10.08 14.67
N ILE B 62 6.15 -9.60 15.89
CA ILE B 62 4.81 -9.12 16.20
C ILE B 62 4.45 -7.87 15.41
N PHE B 63 5.43 -7.20 14.79
CA PHE B 63 5.18 -6.04 13.95
C PHE B 63 5.55 -6.29 12.49
N GLU B 64 5.66 -7.56 12.08
CA GLU B 64 6.00 -7.91 10.71
C GLU B 64 4.76 -8.39 9.97
N LEU B 65 4.55 -7.87 8.77
CA LEU B 65 3.36 -8.20 8.00
C LEU B 65 3.26 -9.68 7.63
N PRO B 66 4.31 -10.34 7.13
CA PRO B 66 4.18 -11.78 6.86
C PRO B 66 3.80 -12.59 8.10
N PHE B 67 4.32 -12.22 9.27
CA PHE B 67 3.91 -12.93 10.48
C PHE B 67 2.47 -12.62 10.86
N PHE B 68 2.02 -11.38 10.65
CA PHE B 68 0.63 -11.04 10.94
C PHE B 68 -0.34 -11.90 10.15
N PHE B 69 -0.01 -12.17 8.88
CA PHE B 69 -0.85 -13.05 8.08
C PHE B 69 -0.85 -14.48 8.65
N HIS B 70 0.31 -14.94 9.11
CA HIS B 70 0.41 -16.30 9.64
C HIS B 70 -0.38 -16.46 10.93
N ASN B 71 -0.27 -15.48 11.83
CA ASN B 71 -0.92 -15.56 13.14
C ASN B 71 -1.11 -14.14 13.66
N PRO B 72 -2.31 -13.58 13.53
CA PRO B 72 -2.56 -12.22 14.02
C PRO B 72 -2.90 -12.15 15.50
N LYS B 73 -3.07 -13.30 16.15
CA LYS B 73 -3.46 -13.30 17.56
C LYS B 73 -2.44 -12.63 18.48
N PRO B 74 -1.12 -12.83 18.34
CA PRO B 74 -0.19 -12.13 19.24
C PRO B 74 -0.25 -10.62 19.14
N PHE B 75 -0.46 -10.09 17.94
CA PHE B 75 -0.54 -8.65 17.78
C PHE B 75 -1.77 -8.09 18.49
N PHE B 76 -2.92 -8.75 18.31
CA PHE B 76 -4.14 -8.23 18.92
C PHE B 76 -4.13 -8.43 20.43
N THR B 77 -3.40 -9.43 20.92
CA THR B 77 -3.22 -9.56 22.37
C THR B 77 -2.39 -8.41 22.93
N LEU B 78 -1.32 -8.03 22.22
CA LEU B 78 -0.57 -6.85 22.61
C LEU B 78 -1.40 -5.59 22.49
N ALA B 79 -2.19 -5.48 21.42
CA ALA B 79 -3.03 -4.30 21.22
C ALA B 79 -4.04 -4.14 22.35
N LYS B 80 -4.57 -5.26 22.87
CA LYS B 80 -5.46 -5.18 24.03
C LYS B 80 -4.78 -4.51 25.22
N GLU B 81 -3.47 -4.73 25.37
CA GLU B 81 -2.74 -4.15 26.49
C GLU B 81 -2.55 -2.65 26.35
N LEU B 82 -2.71 -2.10 25.15
CA LEU B 82 -2.45 -0.67 24.90
C LEU B 82 -3.52 -0.10 23.97
N TYR B 83 -4.78 -0.27 24.35
CA TYR B 83 -5.92 0.25 23.60
C TYR B 83 -6.92 1.07 24.43
N PRO B 84 -6.84 1.12 25.77
CA PRO B 84 -7.67 2.12 26.48
C PRO B 84 -7.47 3.55 25.98
N GLY B 85 -6.24 3.92 25.67
CA GLY B 85 -5.99 5.26 25.13
C GLY B 85 -6.19 6.38 26.12
N ASN B 86 -5.79 6.18 27.37
CA ASN B 86 -5.90 7.20 28.39
C ASN B 86 -4.67 8.09 28.45
N TYR B 87 -3.82 8.06 27.43
CA TYR B 87 -2.58 8.81 27.45
C TYR B 87 -2.83 10.27 27.11
N LYS B 88 -2.02 11.15 27.71
N LYS B 88 -2.04 11.15 27.72
CA LYS B 88 -2.12 12.58 27.46
CA LYS B 88 -2.13 12.58 27.45
C LYS B 88 -0.84 13.08 26.80
C LYS B 88 -0.85 13.07 26.79
N PRO B 89 -0.93 14.08 25.93
CA PRO B 89 0.30 14.63 25.35
C PRO B 89 1.17 15.25 26.44
N ASN B 90 2.49 15.24 26.21
CA ASN B 90 3.39 15.85 27.15
C ASN B 90 3.96 17.14 26.55
N VAL B 91 4.99 17.69 27.21
CA VAL B 91 5.50 19.01 26.83
C VAL B 91 6.12 19.00 25.42
N THR B 92 6.58 17.83 24.96
N THR B 92 6.59 17.83 24.98
CA THR B 92 7.13 17.75 23.61
CA THR B 92 7.13 17.74 23.62
C THR B 92 6.04 17.97 22.57
C THR B 92 6.04 17.99 22.59
N HIS B 93 4.87 17.35 22.76
CA HIS B 93 3.77 17.55 21.83
C HIS B 93 3.29 19.00 21.82
N TYR B 94 3.21 19.63 23.00
CA TYR B 94 2.69 20.99 23.07
C TYR B 94 3.69 22.00 22.50
N PHE B 95 4.99 21.69 22.57
CA PHE B 95 5.98 22.54 21.89
C PHE B 95 5.78 22.49 20.38
N LEU B 96 5.52 21.32 19.82
CA LEU B 96 5.26 21.22 18.38
C LEU B 96 3.95 21.91 18.03
N ARG B 97 2.94 21.81 18.90
CA ARG B 97 1.71 22.56 18.72
C ARG B 97 1.97 24.06 18.71
N LEU B 98 2.84 24.54 19.62
CA LEU B 98 3.13 25.96 19.66
C LEU B 98 3.90 26.42 18.43
N LEU B 99 4.76 25.55 17.88
CA LEU B 99 5.38 25.86 16.58
C LEU B 99 4.33 26.06 15.51
N HIS B 100 3.34 25.16 15.47
CA HIS B 100 2.21 25.34 14.56
C HIS B 100 1.47 26.65 14.83
N ASP B 101 1.20 26.94 16.10
CA ASP B 101 0.45 28.16 16.43
C ASP B 101 1.20 29.41 16.03
N LYS B 102 2.52 29.39 16.08
CA LYS B 102 3.33 30.52 15.65
C LYS B 102 3.61 30.51 14.15
N GLY B 103 2.99 29.60 13.39
CA GLY B 103 3.15 29.57 11.96
C GLY B 103 4.50 29.10 11.46
N LEU B 104 5.26 28.38 12.30
CA LEU B 104 6.62 27.98 11.95
C LEU B 104 6.72 26.52 11.55
N LEU B 105 5.64 25.74 11.70
CA LEU B 105 5.68 24.31 11.41
C LEU B 105 5.27 24.08 9.96
N LEU B 106 6.23 23.61 9.14
CA LEU B 106 5.90 23.25 7.78
C LEU B 106 5.18 21.89 7.73
N ARG B 107 5.68 20.91 8.46
CA ARG B 107 5.08 19.58 8.54
C ARG B 107 5.69 18.84 9.71
N LEU B 108 4.88 18.00 10.34
CA LEU B 108 5.34 17.10 11.39
C LEU B 108 5.23 15.68 10.85
N TYR B 109 6.37 15.01 10.74
CA TYR B 109 6.43 13.63 10.30
C TYR B 109 6.62 12.76 11.54
N THR B 110 5.67 11.89 11.83
CA THR B 110 5.70 11.06 13.02
C THR B 110 5.63 9.58 12.65
N GLN B 111 6.38 8.77 13.38
CA GLN B 111 6.30 7.33 13.27
C GLN B 111 5.36 6.73 14.30
N ASN B 112 4.79 7.54 15.18
CA ASN B 112 4.01 7.03 16.29
C ASN B 112 2.59 6.73 15.87
N ILE B 113 1.98 5.76 16.55
CA ILE B 113 0.60 5.38 16.30
C ILE B 113 -0.29 5.70 17.51
N ASP B 114 0.22 6.53 18.44
CA ASP B 114 -0.54 6.89 19.63
C ASP B 114 -1.55 8.00 19.38
N GLY B 115 -1.45 8.70 18.24
CA GLY B 115 -2.37 9.77 17.92
C GLY B 115 -2.27 10.99 18.79
N LEU B 116 -1.20 11.14 19.57
CA LEU B 116 -1.11 12.25 20.50
C LEU B 116 -0.84 13.57 19.81
N GLU B 117 -0.25 13.55 18.61
CA GLU B 117 -0.10 14.77 17.83
C GLU B 117 -1.46 15.40 17.55
N ARG B 118 -2.42 14.58 17.11
CA ARG B 118 -3.78 15.08 16.89
C ARG B 118 -4.44 15.52 18.19
N VAL B 119 -4.18 14.80 19.29
CA VAL B 119 -4.78 15.18 20.58
C VAL B 119 -4.22 16.54 21.02
N SER B 120 -2.95 16.81 20.74
CA SER B 120 -2.36 18.11 21.06
C SER B 120 -2.94 19.27 20.26
N GLY B 121 -3.79 18.99 19.28
CA GLY B 121 -4.39 20.04 18.48
C GLY B 121 -3.71 20.34 17.16
N ILE B 122 -2.74 19.53 16.74
CA ILE B 122 -2.08 19.75 15.45
C ILE B 122 -2.97 19.20 14.36
N PRO B 123 -3.47 20.03 13.45
CA PRO B 123 -4.39 19.55 12.41
C PRO B 123 -3.74 18.51 11.52
N ALA B 124 -4.59 17.65 10.95
CA ALA B 124 -4.10 16.52 10.15
C ALA B 124 -3.38 16.99 8.90
N SER B 125 -3.71 18.18 8.38
CA SER B 125 -3.04 18.66 7.18
C SER B 125 -1.55 18.92 7.43
N LYS B 126 -1.19 19.26 8.68
CA LYS B 126 0.20 19.47 9.06
C LYS B 126 0.92 18.19 9.44
N LEU B 127 0.22 17.06 9.48
N LEU B 127 0.20 17.07 9.51
CA LEU B 127 0.74 15.82 10.05
CA LEU B 127 0.73 15.81 10.03
C LEU B 127 0.88 14.76 8.97
C LEU B 127 0.92 14.80 8.91
N VAL B 128 1.98 14.01 9.03
CA VAL B 128 2.22 12.86 8.18
C VAL B 128 2.39 11.70 9.15
N GLU B 129 1.36 10.88 9.28
CA GLU B 129 1.40 9.69 10.14
C GLU B 129 2.07 8.59 9.33
N ALA B 130 3.40 8.65 9.29
CA ALA B 130 4.17 7.84 8.35
C ALA B 130 3.99 6.35 8.58
N HIS B 131 3.63 5.95 9.79
CA HIS B 131 3.39 4.55 10.13
C HIS B 131 1.93 4.30 10.45
N GLY B 132 1.06 5.17 9.96
CA GLY B 132 -0.37 4.92 10.01
C GLY B 132 -1.00 5.34 11.32
N THR B 133 -2.17 4.75 11.58
CA THR B 133 -3.00 5.13 12.70
C THR B 133 -3.95 3.99 13.06
N PHE B 134 -4.33 3.94 14.33
CA PHE B 134 -5.39 3.07 14.81
C PHE B 134 -6.78 3.66 14.60
N ALA B 135 -6.88 4.90 14.10
CA ALA B 135 -8.17 5.57 13.98
C ALA B 135 -9.07 4.92 12.95
N SER B 136 -8.50 4.12 12.03
CA SER B 136 -9.25 3.46 10.98
C SER B 136 -8.69 2.06 10.81
N ALA B 137 -9.49 1.19 10.20
CA ALA B 137 -9.10 -0.20 9.98
C ALA B 137 -9.61 -0.64 8.61
N THR B 138 -9.01 -1.73 8.10
CA THR B 138 -9.34 -2.24 6.78
C THR B 138 -9.32 -3.76 6.79
N CYS B 139 -10.31 -4.36 6.13
CA CYS B 139 -10.32 -5.80 5.94
C CYS B 139 -9.19 -6.20 4.99
N THR B 140 -8.35 -7.14 5.43
CA THR B 140 -7.20 -7.55 4.63
C THR B 140 -7.59 -8.31 3.39
N VAL B 141 -8.87 -8.67 3.23
CA VAL B 141 -9.33 -9.45 2.10
C VAL B 141 -10.06 -8.56 1.10
N CYS B 142 -11.21 -8.01 1.51
CA CYS B 142 -12.05 -7.26 0.58
C CYS B 142 -11.72 -5.78 0.51
N GLN B 143 -10.82 -5.29 1.37
CA GLN B 143 -10.38 -3.89 1.46
C GLN B 143 -11.43 -2.95 2.03
N ARG B 144 -12.53 -3.47 2.57
CA ARG B 144 -13.55 -2.59 3.12
C ARG B 144 -12.98 -1.81 4.31
N PRO B 145 -13.23 -0.50 4.40
CA PRO B 145 -12.72 0.27 5.53
C PRO B 145 -13.73 0.38 6.67
N PHE B 146 -13.20 0.55 7.87
CA PHE B 146 -14.03 0.62 9.06
C PHE B 146 -13.41 1.59 10.06
N PRO B 147 -14.22 2.27 10.87
CA PRO B 147 -13.67 3.13 11.92
C PRO B 147 -12.87 2.31 12.93
N GLY B 148 -11.89 2.97 13.54
CA GLY B 148 -11.00 2.28 14.46
C GLY B 148 -11.70 1.65 15.65
N GLU B 149 -12.77 2.29 16.13
CA GLU B 149 -13.49 1.76 17.28
C GLU B 149 -14.39 0.58 16.93
N ASP B 150 -14.52 0.22 15.65
CA ASP B 150 -15.34 -0.93 15.29
C ASP B 150 -14.69 -2.23 15.72
N ILE B 151 -13.36 -2.26 15.86
CA ILE B 151 -12.65 -3.48 16.23
C ILE B 151 -12.20 -3.47 17.69
N ARG B 152 -12.32 -2.34 18.38
CA ARG B 152 -11.88 -2.27 19.77
C ARG B 152 -12.59 -3.29 20.64
N ALA B 153 -13.90 -3.45 20.43
CA ALA B 153 -14.67 -4.40 21.24
C ALA B 153 -14.14 -5.82 21.08
N ASP B 154 -13.88 -6.24 19.84
CA ASP B 154 -13.37 -7.59 19.61
C ASP B 154 -11.98 -7.77 20.21
N VAL B 155 -11.15 -6.71 20.20
CA VAL B 155 -9.82 -6.82 20.78
C VAL B 155 -9.90 -7.02 22.29
N MET B 156 -10.79 -6.27 22.95
CA MET B 156 -10.97 -6.43 24.39
C MET B 156 -11.54 -7.79 24.76
N ALA B 157 -12.25 -8.46 23.85
CA ALA B 157 -12.85 -9.76 24.11
C ALA B 157 -11.95 -10.92 23.70
N ASP B 158 -10.66 -10.65 23.46
CA ASP B 158 -9.68 -11.68 23.08
C ASP B 158 -10.03 -12.34 21.76
N ARG B 159 -10.63 -11.60 20.84
CA ARG B 159 -11.03 -12.13 19.54
C ARG B 159 -10.36 -11.35 18.42
N VAL B 160 -9.85 -12.05 17.43
CA VAL B 160 -9.30 -11.42 16.23
C VAL B 160 -10.47 -10.77 15.49
N PRO B 161 -10.47 -9.46 15.28
CA PRO B 161 -11.58 -8.83 14.57
C PRO B 161 -11.64 -9.27 13.12
N ARG B 162 -12.86 -9.53 12.64
CA ARG B 162 -13.06 -10.06 11.30
C ARG B 162 -14.09 -9.24 10.55
N CYS B 163 -14.03 -9.33 9.22
CA CYS B 163 -14.86 -8.48 8.38
C CYS B 163 -16.32 -8.91 8.49
N PRO B 164 -17.24 -7.98 8.73
CA PRO B 164 -18.66 -8.35 8.79
C PRO B 164 -19.20 -8.93 7.49
N VAL B 165 -18.55 -8.68 6.36
CA VAL B 165 -19.07 -9.14 5.08
C VAL B 165 -18.40 -10.45 4.69
N CYS B 166 -17.08 -10.42 4.53
CA CYS B 166 -16.33 -11.56 3.99
C CYS B 166 -15.64 -12.39 5.06
N THR B 167 -15.76 -12.01 6.33
CA THR B 167 -15.17 -12.69 7.48
C THR B 167 -13.65 -12.65 7.48
N GLY B 168 -13.03 -11.93 6.55
CA GLY B 168 -11.60 -11.77 6.56
C GLY B 168 -11.10 -11.02 7.78
N VAL B 169 -9.81 -11.15 8.03
CA VAL B 169 -9.19 -10.51 9.18
C VAL B 169 -9.05 -9.02 8.92
N VAL B 170 -9.57 -8.21 9.85
CA VAL B 170 -9.49 -6.76 9.75
C VAL B 170 -8.25 -6.28 10.50
N LYS B 171 -7.48 -5.40 9.87
CA LYS B 171 -6.27 -4.86 10.45
C LYS B 171 -6.39 -3.36 10.67
N PRO B 172 -5.93 -2.83 11.80
CA PRO B 172 -5.87 -1.38 11.95
C PRO B 172 -4.88 -0.78 10.96
N ASP B 173 -5.19 0.43 10.50
CA ASP B 173 -4.42 1.07 9.43
C ASP B 173 -3.06 1.57 9.91
N ILE B 174 -2.35 0.73 10.67
CA ILE B 174 -0.96 0.97 11.02
C ILE B 174 -0.08 0.26 10.00
N VAL B 175 1.22 0.55 10.00
CA VAL B 175 2.14 0.04 9.00
C VAL B 175 3.09 -0.95 9.66
N PHE B 176 2.93 -2.22 9.31
CA PHE B 176 3.86 -3.27 9.74
C PHE B 176 5.11 -3.27 8.85
N PHE B 177 6.18 -3.89 9.37
CA PHE B 177 7.34 -4.16 8.52
C PHE B 177 6.92 -4.97 7.31
N GLY B 178 7.38 -4.55 6.14
CA GLY B 178 7.01 -5.20 4.89
C GLY B 178 5.76 -4.65 4.25
N GLU B 179 5.11 -3.65 4.85
CA GLU B 179 3.91 -3.03 4.34
C GLU B 179 4.22 -1.61 3.86
N PRO B 180 3.67 -1.20 2.72
CA PRO B 180 3.99 0.15 2.22
C PRO B 180 3.44 1.23 3.14
N LEU B 181 4.13 2.37 3.12
CA LEU B 181 3.73 3.54 3.87
C LEU B 181 2.57 4.25 3.18
N PRO B 182 1.78 5.02 3.91
CA PRO B 182 0.66 5.74 3.29
C PRO B 182 1.15 6.76 2.26
N GLN B 183 0.23 7.14 1.37
CA GLN B 183 0.58 8.03 0.26
C GLN B 183 1.01 9.42 0.73
N ARG B 184 0.56 9.85 1.91
CA ARG B 184 0.98 11.15 2.45
C ARG B 184 2.47 11.19 2.74
N PHE B 185 3.14 10.04 2.84
CA PHE B 185 4.60 10.03 2.95
C PHE B 185 5.26 10.81 1.82
N LEU B 186 4.70 10.74 0.61
CA LEU B 186 5.31 11.39 -0.54
C LEU B 186 5.34 12.91 -0.42
N LEU B 187 4.65 13.49 0.57
CA LEU B 187 4.78 14.92 0.83
C LEU B 187 6.22 15.33 1.11
N HIS B 188 7.07 14.39 1.54
CA HIS B 188 8.47 14.74 1.78
C HIS B 188 9.14 15.32 0.54
N VAL B 189 8.66 14.99 -0.66
CA VAL B 189 9.27 15.47 -1.90
C VAL B 189 9.14 16.98 -2.03
N VAL B 190 8.14 17.59 -1.38
CA VAL B 190 7.96 19.03 -1.50
C VAL B 190 8.36 19.72 -0.20
N ASP B 191 8.18 19.04 0.92
CA ASP B 191 8.48 19.64 2.22
C ASP B 191 9.97 19.80 2.45
N PHE B 192 10.74 18.74 2.21
CA PHE B 192 12.15 18.75 2.60
C PHE B 192 13.00 19.70 1.77
N PRO B 193 12.72 19.92 0.48
CA PRO B 193 13.46 20.98 -0.23
C PRO B 193 13.28 22.37 0.35
N MET B 194 12.15 22.68 0.98
CA MET B 194 11.91 24.04 1.47
C MET B 194 12.02 24.18 2.98
N ALA B 195 12.44 23.13 3.68
CA ALA B 195 12.75 23.27 5.09
C ALA B 195 13.98 24.15 5.27
N ASP B 196 13.95 25.03 6.27
CA ASP B 196 15.16 25.72 6.70
C ASP B 196 15.66 25.24 8.05
N LEU B 197 14.96 24.29 8.68
CA LEU B 197 15.40 23.68 9.92
C LEU B 197 14.75 22.31 10.03
N LEU B 198 15.52 21.33 10.48
CA LEU B 198 15.02 19.98 10.69
C LEU B 198 15.17 19.61 12.16
N LEU B 199 14.05 19.29 12.79
CA LEU B 199 14.01 18.87 14.18
C LEU B 199 13.72 17.37 14.26
N ILE B 200 14.57 16.66 14.99
CA ILE B 200 14.47 15.20 15.14
C ILE B 200 14.42 14.90 16.62
N LEU B 201 13.33 14.29 17.08
N LEU B 201 13.33 14.31 17.09
CA LEU B 201 13.08 14.08 18.50
CA LEU B 201 13.13 14.08 18.51
C LEU B 201 12.73 12.62 18.77
C LEU B 201 12.72 12.63 18.78
N GLY B 202 13.44 12.00 19.72
CA GLY B 202 13.04 10.71 20.25
C GLY B 202 12.82 9.59 19.26
N THR B 203 13.79 9.36 18.38
CA THR B 203 13.74 8.19 17.52
C THR B 203 15.14 7.62 17.40
N SER B 204 15.22 6.30 17.25
CA SER B 204 16.51 5.65 17.05
C SER B 204 17.03 5.77 15.62
N LEU B 205 16.20 6.27 14.70
CA LEU B 205 16.56 6.32 13.28
C LEU B 205 17.02 4.96 12.76
N GLU B 206 16.34 3.90 13.19
CA GLU B 206 16.70 2.56 12.75
C GLU B 206 15.76 1.99 11.71
N VAL B 207 14.56 2.54 11.56
CA VAL B 207 13.58 2.01 10.63
C VAL B 207 13.58 2.88 9.38
N GLU B 208 13.82 2.25 8.25
CA GLU B 208 13.71 2.85 6.92
C GLU B 208 12.29 2.68 6.39
N PRO B 209 11.86 3.52 5.44
CA PRO B 209 12.61 4.64 4.85
C PRO B 209 12.52 5.93 5.67
N PHE B 210 11.83 5.89 6.81
CA PHE B 210 11.64 7.10 7.60
C PHE B 210 12.97 7.68 8.06
N ALA B 211 13.89 6.82 8.52
CA ALA B 211 15.16 7.31 9.04
C ALA B 211 15.94 8.08 7.98
N SER B 212 15.88 7.62 6.72
CA SER B 212 16.61 8.29 5.65
C SER B 212 16.09 9.68 5.33
N LEU B 213 14.97 10.11 5.94
CA LEU B 213 14.54 11.49 5.77
C LEU B 213 15.54 12.49 6.34
N THR B 214 16.36 12.06 7.32
CA THR B 214 17.32 12.97 7.90
C THR B 214 18.39 13.39 6.92
N GLU B 215 18.57 12.65 5.83
CA GLU B 215 19.57 12.95 4.80
C GLU B 215 19.00 13.73 3.64
N ALA B 216 17.71 14.08 3.67
CA ALA B 216 17.05 14.66 2.51
C ALA B 216 17.08 16.18 2.49
N VAL B 217 17.42 16.84 3.60
CA VAL B 217 17.52 18.29 3.63
C VAL B 217 18.89 18.70 3.09
N ARG B 218 18.96 19.90 2.53
N ARG B 218 18.95 19.93 2.56
CA ARG B 218 20.21 20.39 1.99
CA ARG B 218 20.19 20.48 2.07
C ARG B 218 21.24 20.54 3.11
C ARG B 218 21.24 20.53 3.17
N SER B 219 22.52 20.53 2.72
N SER B 219 22.51 20.53 2.75
CA SER B 219 23.60 20.64 3.69
CA SER B 219 23.61 20.64 3.71
C SER B 219 23.56 21.95 4.46
C SER B 219 23.62 21.98 4.42
N SER B 220 22.92 22.98 3.90
CA SER B 220 22.81 24.27 4.57
C SER B 220 21.78 24.27 5.70
N VAL B 221 21.00 23.21 5.84
CA VAL B 221 19.88 23.19 6.79
C VAL B 221 20.38 22.57 8.09
N PRO B 222 20.37 23.31 9.20
CA PRO B 222 20.71 22.70 10.49
C PRO B 222 19.78 21.53 10.82
N ARG B 223 20.35 20.53 11.48
CA ARG B 223 19.61 19.36 11.95
C ARG B 223 19.79 19.29 13.46
N LEU B 224 18.70 19.50 14.19
CA LEU B 224 18.73 19.53 15.65
C LEU B 224 18.15 18.22 16.19
N LEU B 225 18.98 17.43 16.84
CA LEU B 225 18.58 16.14 17.39
C LEU B 225 18.43 16.27 18.90
N ILE B 226 17.21 16.07 19.41
CA ILE B 226 16.95 16.00 20.84
C ILE B 226 16.58 14.57 21.16
N ASN B 227 17.47 13.88 21.85
CA ASN B 227 17.38 12.43 21.97
C ASN B 227 18.35 11.98 23.03
N ARG B 228 18.11 10.79 23.58
CA ARG B 228 19.02 10.24 24.57
C ARG B 228 20.39 9.96 23.98
N ASP B 229 20.46 9.55 22.71
CA ASP B 229 21.70 9.12 22.07
C ASP B 229 21.84 9.76 20.69
N LEU B 230 23.09 9.92 20.27
CA LEU B 230 23.39 10.26 18.88
C LEU B 230 23.14 9.03 18.01
N VAL B 231 22.20 9.14 17.07
CA VAL B 231 21.67 7.97 16.39
C VAL B 231 21.67 8.13 14.88
N GLY B 232 21.66 7.00 14.19
CA GLY B 232 21.42 6.93 12.77
C GLY B 232 22.41 7.72 11.93
N PRO B 233 21.93 8.35 10.86
CA PRO B 233 22.82 9.16 10.01
C PRO B 233 23.45 10.33 10.73
N LEU B 234 22.88 10.76 11.86
CA LEU B 234 23.48 11.83 12.64
C LEU B 234 24.75 11.36 13.34
N ALA B 235 24.84 10.08 13.66
CA ALA B 235 26.02 9.55 14.32
C ALA B 235 27.07 9.08 13.33
N TRP B 236 26.65 8.48 12.22
CA TRP B 236 27.62 7.92 11.28
C TRP B 236 28.24 8.99 10.41
N HIS B 237 27.46 10.00 10.01
N HIS B 237 27.45 9.97 9.98
CA HIS B 237 27.96 11.08 9.15
CA HIS B 237 27.94 11.08 9.16
C HIS B 237 27.39 12.41 9.63
C HIS B 237 27.34 12.37 9.70
N PRO B 238 28.00 13.00 10.65
CA PRO B 238 27.54 14.32 11.12
C PRO B 238 27.93 15.40 10.14
N ARG B 239 27.11 16.45 10.10
CA ARG B 239 27.34 17.62 9.26
C ARG B 239 27.69 18.81 10.13
N SER B 240 28.19 19.86 9.47
CA SER B 240 28.68 21.04 10.20
C SER B 240 27.57 21.74 10.97
N ARG B 241 26.36 21.73 10.45
CA ARG B 241 25.23 22.45 11.07
C ARG B 241 24.34 21.52 11.89
N ASP B 242 24.83 20.34 12.23
CA ASP B 242 24.10 19.44 13.11
C ASP B 242 24.27 19.88 14.56
N VAL B 243 23.18 19.77 15.33
CA VAL B 243 23.21 20.04 16.76
C VAL B 243 22.62 18.83 17.48
N ALA B 244 23.40 18.23 18.37
CA ALA B 244 22.97 17.08 19.17
C ALA B 244 22.72 17.57 20.59
N GLN B 245 21.46 17.73 20.96
CA GLN B 245 21.09 18.04 22.34
C GLN B 245 20.77 16.73 23.04
N LEU B 246 21.80 16.09 23.58
CA LEU B 246 21.67 14.73 24.09
C LEU B 246 21.16 14.74 25.52
N GLY B 247 20.10 13.96 25.77
CA GLY B 247 19.48 13.89 27.07
C GLY B 247 18.01 13.58 26.91
N ASP B 248 17.27 13.78 28.00
CA ASP B 248 15.83 13.57 27.96
C ASP B 248 15.19 14.62 27.06
N VAL B 249 14.24 14.16 26.23
CA VAL B 249 13.56 15.06 25.28
C VAL B 249 12.90 16.22 26.02
N VAL B 250 12.44 15.98 27.26
CA VAL B 250 11.77 17.03 28.00
C VAL B 250 12.77 18.11 28.41
N HIS B 251 13.99 17.71 28.80
CA HIS B 251 15.02 18.69 29.10
C HIS B 251 15.42 19.47 27.85
N GLY B 252 15.56 18.77 26.72
CA GLY B 252 15.90 19.46 25.49
C GLY B 252 14.82 20.43 25.03
N VAL B 253 13.57 20.01 25.11
CA VAL B 253 12.48 20.88 24.67
C VAL B 253 12.32 22.08 25.60
N GLU B 254 12.46 21.86 26.91
CA GLU B 254 12.33 22.96 27.87
C GLU B 254 13.46 23.96 27.71
N SER B 255 14.69 23.49 27.48
CA SER B 255 15.80 24.39 27.23
C SER B 255 15.59 25.20 25.96
N LEU B 256 15.10 24.58 24.89
CA LEU B 256 14.85 25.31 23.65
C LEU B 256 13.74 26.35 23.84
N VAL B 257 12.69 25.99 24.58
CA VAL B 257 11.62 26.92 24.88
C VAL B 257 12.14 28.12 25.66
N GLU B 258 13.07 27.89 26.59
CA GLU B 258 13.65 28.99 27.34
C GLU B 258 14.50 29.88 26.46
N LEU B 259 15.33 29.28 25.60
CA LEU B 259 16.17 30.07 24.70
C LEU B 259 15.35 30.84 23.68
N LEU B 260 14.19 30.31 23.29
CA LEU B 260 13.31 31.05 22.38
C LEU B 260 12.56 32.17 23.09
N GLY B 261 12.37 32.07 24.40
CA GLY B 261 11.54 33.02 25.11
C GLY B 261 10.07 32.69 25.08
N TRP B 262 9.72 31.42 24.88
CA TRP B 262 8.33 30.98 24.77
C TRP B 262 7.79 30.38 26.07
N THR B 263 8.49 30.61 27.19
CA THR B 263 8.14 29.94 28.45
C THR B 263 6.71 30.24 28.87
N GLU B 264 6.33 31.51 28.88
CA GLU B 264 4.99 31.87 29.32
C GLU B 264 3.92 31.37 28.34
N GLU B 265 4.22 31.43 27.04
CA GLU B 265 3.25 30.95 26.05
C GLU B 265 3.06 29.44 26.16
N MET B 266 4.14 28.69 26.41
CA MET B 266 4.00 27.26 26.67
C MET B 266 3.13 27.01 27.89
N ARG B 267 3.38 27.73 28.98
CA ARG B 267 2.59 27.55 30.19
C ARG B 267 1.11 27.78 29.92
N ASP B 268 0.79 28.91 29.26
CA ASP B 268 -0.61 29.21 28.96
C ASP B 268 -1.21 28.18 28.01
N LEU B 269 -0.42 27.71 27.04
CA LEU B 269 -0.92 26.70 26.11
C LEU B 269 -1.30 25.42 26.84
N VAL B 270 -0.37 24.87 27.63
CA VAL B 270 -0.61 23.62 28.34
C VAL B 270 -1.81 23.74 29.27
N GLN B 271 -1.97 24.89 29.92
CA GLN B 271 -3.11 25.06 30.81
C GLN B 271 -4.43 25.02 30.03
N ARG B 272 -4.48 25.70 28.88
CA ARG B 272 -5.69 25.69 28.07
C ARG B 272 -6.04 24.28 27.60
N GLU B 273 -5.04 23.57 27.06
CA GLU B 273 -5.30 22.25 26.50
C GLU B 273 -5.65 21.23 27.59
N THR B 274 -4.95 21.29 28.73
CA THR B 274 -5.26 20.38 29.84
C THR B 274 -6.70 20.56 30.30
N GLY B 275 -7.18 21.81 30.36
CA GLY B 275 -8.54 22.05 30.81
C GLY B 275 -9.59 21.45 29.89
N LYS B 276 -9.32 21.45 28.58
CA LYS B 276 -10.30 20.88 27.64
C LYS B 276 -10.29 19.36 27.69
N LEU B 277 -9.11 18.75 27.79
CA LEU B 277 -9.03 17.29 27.91
C LEU B 277 -9.60 16.80 29.23
N ASP B 278 -9.74 17.66 30.22
CA ASP B 278 -10.29 17.28 31.51
C ASP B 278 -11.46 18.17 31.90
ZN ZN C . 13.87 6.87 -4.31
C02 5IA D . -1.49 -13.51 -11.73
C03 5IA D . -2.11 -14.34 -10.54
C04 5IA D . -3.43 -15.02 -11.02
C11 5IA D . -4.85 -19.34 -16.02
C12 5IA D . -6.16 -20.22 -16.32
C13 5IA D . -5.90 -21.78 -16.12
C15 5IA D . -5.54 -22.36 -17.57
C17 5IA D . -6.45 -21.43 -18.35
C19 5IA D . -6.78 -21.32 -20.87
C21 5IA D . -8.62 -21.61 -22.18
C23 5IA D . -6.59 -21.08 -23.34
C25 5IA D . -5.96 -21.06 -22.02
C27 5IA D . -4.64 -20.93 -20.22
C33 5IA D . 0.14 -14.73 -10.56
C35 5IA D . -0.04 -13.31 -11.24
C37 5IA D . 1.11 -11.60 -9.88
C38 5IA D . 2.53 -11.41 -10.59
C39 5IA D . 2.63 -10.19 -11.58
C40 5IA D . 3.19 -10.58 -13.00
C41 5IA D . 4.73 -10.31 -13.26
C42 5IA D . 5.39 -11.22 -14.40
C43 5IA D . 6.48 -10.52 -15.32
C44 5IA D . 6.59 -11.11 -16.78
C45 5IA D . 5.62 -10.46 -17.88
C46 5IA D . 4.55 -11.44 -18.54
C47 5IA D . 3.11 -10.84 -18.85
C48 5IA D . 2.97 -9.95 -20.16
C49 5IA D . 3.59 -8.50 -20.16
C50 5IA D . 4.56 -8.26 -21.35
C52 5IA D . -0.29 -11.53 -7.80
C53 5IA D . -0.13 -11.30 -6.23
C54 5IA D . -1.51 -11.26 -5.42
C55 5IA D . -1.64 -10.02 -4.41
C56 5IA D . -2.60 -10.27 -3.16
C58 5IA D . -3.15 -8.97 -0.94
C60 5IA D . -3.51 -7.84 1.31
C61 5IA D . -2.80 -6.74 2.26
C62 5IA D . -3.57 -6.06 3.24
C63 5IA D . -2.97 -5.08 4.10
C64 5IA D . -1.59 -4.78 3.99
C65 5IA D . -0.79 -5.45 3.02
C66 5IA D . -1.41 -6.42 2.18
C68 5IA D . -2.08 -11.51 -2.25
C70 5IA D . -2.49 -13.83 -1.11
C71 5IA D . -3.00 -13.67 0.42
C73 5IA D . -2.43 -16.02 1.30
C74 5IA D . -3.96 -16.29 1.17
C75 5IA D . -0.60 -14.23 1.21
C76 5IA D . -0.11 -12.82 1.67
C77 5IA D . -2.55 -14.06 3.00
C78 5IA D . -1.96 -15.06 4.09
N18 5IA D . -5.96 -21.27 -19.74
N20 5IA D . -8.12 -21.60 -20.92
N22 5IA D . -7.94 -21.37 -23.37
N24 5IA D . -5.91 -20.85 -24.56
N26 5IA D . -4.64 -20.82 -21.56
N51 5IA D . 1.03 -11.35 -8.55
N57 5IA D . -2.62 -9.00 -2.30
N69 5IA D . -2.94 -12.69 -1.98
N72 5IA D . -2.14 -14.48 1.50
O01 5IA D . -2.01 -12.25 -11.97
O05 5IA D . -3.13 -16.01 -11.90
O07 5IA D . -3.34 -17.27 -14.40
O09 5IA D . -1.75 -19.38 -15.00
O10 5IA D . -4.37 -19.66 -14.78
O14 5IA D . -7.04 -22.41 -15.66
O16 5IA D . -5.86 -23.72 -17.78
O28 5IA D . -6.56 -20.17 -17.68
O29 5IA D . -2.92 -19.26 -12.71
O30 5IA D . -5.41 -17.03 -12.76
O31 5IA D . -4.47 -14.94 -13.96
O32 5IA D . -1.08 -15.28 -10.20
O36 5IA D . -0.02 -12.05 -10.49
O59 5IA D . -2.79 -7.99 0.02
O67 5IA D . -3.96 -9.81 -0.59
O79 5IA D . -0.97 -11.45 -1.77
P06 5IA D . -4.26 -16.28 -13.35
P08 5IA D . -2.88 -18.90 -14.15
S34 5IA D . 1.16 -14.47 -9.07
ZN ZN E . -13.91 -8.25 3.99
O1 PG4 F . 15.43 16.92 -5.05
C1 PG4 F . 16.57 16.22 -4.57
C2 PG4 F . 16.32 15.67 -3.20
O2 PG4 F . 17.36 14.78 -2.83
C3 PG4 F . 17.36 14.46 -1.45
C4 PG4 F . 18.06 13.16 -1.20
O3 PG4 F . 17.10 12.15 -0.91
C5 PG4 F . 17.69 11.17 -0.06
C6 PG4 F . 16.72 10.80 1.02
O4 PG4 F . 16.29 9.45 0.89
C7 PG4 F . 14.86 9.47 0.74
C8 PG4 F . 14.19 9.80 2.03
O5 PG4 F . 13.27 8.77 2.38
C02 5I7 G . 8.16 2.76 15.18
C03 5I7 G . 9.35 2.39 14.28
C04 5I7 G . 10.56 3.35 14.52
C11 5I7 G . 13.27 5.61 20.51
C12 5I7 G . 14.43 6.60 20.76
C13 5I7 G . 15.69 5.83 21.15
C15 5I7 G . 15.67 6.07 22.69
C17 5I7 G . 15.08 7.54 22.78
C19 5I7 G . 14.32 9.20 24.69
C21 5I7 G . 14.77 11.25 25.44
C23 5I7 G . 13.11 10.15 26.64
C25 5I7 G . 13.31 9.07 25.74
C27 5I7 G . 13.31 7.23 24.59
C33 5I7 G . 8.59 0.40 15.09
C35 5I7 G . 7.41 1.40 15.04
C37 5I7 G . 6.57 -0.18 13.52
C38 5I7 G . 5.34 -0.82 14.30
C39 5I7 G . 4.01 -0.01 14.11
C40 5I7 G . 2.69 -0.52 14.75
C41 5I7 G . 2.82 -1.38 16.04
C42 5I7 G . 1.80 -1.17 17.20
C43 5I7 G . 2.39 -1.24 18.63
C44 5I7 G . 1.42 -1.08 19.82
C45 5I7 G . 2.04 -0.45 21.11
C46 5I7 G . 2.30 1.08 21.08
C47 5I7 G . 1.70 1.94 22.23
C48 5I7 G . 0.57 2.94 21.81
C49 5I7 G . -0.80 2.83 22.54
C50 5I7 G . -1.59 4.15 22.68
C52 5I7 G . 7.63 0.15 11.27
C53 5I7 G . 7.29 0.55 9.80
C54 5I7 G . 8.17 -0.12 8.71
C55 5I7 G . 7.52 -0.22 7.29
C56 5I7 G . 8.51 -0.07 6.04
C58 5I7 G . 8.43 -0.26 3.48
C60 5I7 G . 8.20 -0.77 1.05
C61 5I7 G . 7.21 -1.25 -0.04
C62 5I7 G . 7.14 -0.64 -1.30
C63 5I7 G . 6.26 -1.07 -2.31
C64 5I7 G . 5.40 -2.15 -2.08
C65 5I7 G . 5.45 -2.75 -0.84
C66 5I7 G . 6.34 -2.32 0.16
C68 5I7 G . 9.54 -1.25 6.09
C70 5I7 G . 11.90 -2.07 6.46
C71 5I7 G . 12.64 -2.04 5.06
C73 5I7 G . 12.94 -3.41 2.95
C74 5I7 G . 14.22 -3.62 2.17
C75 5I7 G . 14.59 -3.67 4.87
C76 5I7 G . 15.37 -2.43 5.34
C77 5I7 G . 12.20 -4.55 5.01
C78 5I7 G . 10.86 -4.69 4.29
N18 5I7 G . 14.31 8.01 23.98
N20 5I7 G . 15.07 10.30 24.52
N22 5I7 G . 13.88 11.26 26.46
N24 5I7 G . 12.19 10.20 27.69
N26 5I7 G . 12.71 7.82 25.64
N51 5I7 G . 6.44 -0.32 12.04
N57 5I7 G . 7.79 -0.11 4.73
N69 5I7 G . 10.90 -1.01 6.43
N72 5I7 G . 13.11 -3.40 4.49
O01 5I7 G . 7.43 3.82 14.63
O05 5I7 G . 10.89 3.35 15.85
O07 5I7 G . 11.47 4.06 18.35
O09 5I7 G . 12.38 2.83 20.59
O10 5I7 G . 13.61 4.66 19.58
O14 5I7 G . 16.84 6.40 20.58
O16 5I7 G . 16.95 6.10 23.23
O28 5I7 G . 14.14 7.55 21.75
O29 5I7 G . 13.39 2.50 18.19
O30 5I7 G . 9.97 5.59 16.98
O31 5I7 G . 12.36 5.35 16.28
O32 5I7 G . 9.72 1.07 14.62
O36 5I7 G . 6.68 1.18 13.84
O59 5I7 G . 7.63 -0.58 2.38
O67 5I7 G . 9.63 -0.13 3.35
O79 5I7 G . 9.18 -2.39 5.85
P06 5I7 G . 11.17 4.71 16.89
P08 5I7 G . 12.65 3.25 19.16
S34 5I7 G . 8.16 -1.02 14.02
#